data_6ZFM
#
_entry.id   6ZFM
#
_cell.length_a   49.438
_cell.length_b   49.438
_cell.length_c   289.629
_cell.angle_alpha   90.000
_cell.angle_beta   90.000
_cell.angle_gamma   120.000
#
_symmetry.space_group_name_H-M   'P 61'
#
loop_
_entity.id
_entity.type
_entity.pdbx_description
1 polymer Alpha-cobratoxin
2 polymer 'peptide 12'
3 non-polymer 3-[2-[2-[2-[2-[2-(2-azanylethoxy)ethoxy]ethoxy]ethoxy]ethoxy]ethoxy]propan-1-ol
4 non-polymer 'PENTAETHYLENE GLYCOL'
5 water water
#
loop_
_entity_poly.entity_id
_entity_poly.type
_entity_poly.pdbx_seq_one_letter_code
_entity_poly.pdbx_strand_id
1 'polypeptide(L)' IRCFITPDITSKDCPNGHVCYTKTWCDAFCSIRGKRVDLGCAATCPTVKTGVDIQCCSTDNCNPFPTRKRP A,B,D,E
2 'polypeptide(L)' YMWDGWYM C,F
#
# COMPACT_ATOMS: atom_id res chain seq x y z
N ILE A 1 18.33 -7.26 14.02
CA ILE A 1 17.55 -6.05 13.84
C ILE A 1 16.45 -6.32 12.84
N ARG A 2 15.28 -5.72 13.07
CA ARG A 2 14.19 -5.83 12.12
C ARG A 2 14.21 -4.63 11.19
N CYS A 3 14.06 -4.87 9.89
CA CYS A 3 14.04 -3.80 8.91
C CYS A 3 12.97 -4.10 7.88
N PHE A 4 12.46 -3.03 7.27
CA PHE A 4 11.61 -3.18 6.11
C PHE A 4 12.50 -3.42 4.91
N ILE A 5 12.05 -4.29 4.02
CA ILE A 5 12.80 -4.73 2.85
C ILE A 5 11.83 -4.79 1.69
N THR A 6 11.94 -3.85 0.75
CA THR A 6 11.08 -3.86 -0.42
C THR A 6 11.38 -5.09 -1.28
N PRO A 7 10.41 -5.57 -2.08
CA PRO A 7 9.10 -5.01 -2.42
C PRO A 7 8.00 -5.19 -1.35
N ASP A 8 8.24 -5.98 -0.31
CA ASP A 8 7.23 -6.17 0.73
C ASP A 8 7.17 -4.98 1.68
N ILE A 9 6.07 -4.88 2.43
CA ILE A 9 5.89 -3.79 3.39
C ILE A 9 5.92 -4.30 4.83
N THR A 10 6.26 -5.57 5.05
CA THR A 10 6.31 -6.13 6.39
C THR A 10 7.74 -6.25 6.88
N SER A 11 7.87 -6.24 8.20
CA SER A 11 9.18 -6.27 8.87
C SER A 11 9.89 -7.62 8.68
N LYS A 12 11.20 -7.56 8.43
CA LYS A 12 12.03 -8.75 8.27
C LYS A 12 13.19 -8.73 9.26
N ASP A 13 13.75 -9.91 9.51
CA ASP A 13 14.83 -10.07 10.47
C ASP A 13 16.18 -10.04 9.73
N CYS A 14 17.07 -9.17 10.17
CA CYS A 14 18.41 -9.02 9.61
C CYS A 14 19.48 -9.30 10.66
N PRO A 15 20.69 -9.69 10.25
CA PRO A 15 21.71 -10.10 11.22
C PRO A 15 22.08 -8.96 12.17
N ASN A 16 22.47 -9.35 13.38
CA ASN A 16 22.88 -8.39 14.39
C ASN A 16 24.07 -7.58 13.89
N GLY A 17 23.98 -6.25 14.00
CA GLY A 17 24.99 -5.35 13.50
C GLY A 17 24.62 -4.65 12.20
N HIS A 18 23.60 -5.12 11.49
CA HIS A 18 23.19 -4.42 10.28
C HIS A 18 22.46 -3.13 10.63
N VAL A 19 22.34 -2.25 9.65
CA VAL A 19 21.57 -1.01 9.75
C VAL A 19 20.39 -1.11 8.81
N CYS A 20 19.25 -0.55 9.22
CA CYS A 20 18.16 -0.37 8.29
C CYS A 20 18.39 0.87 7.45
N TYR A 21 17.94 0.84 6.19
CA TYR A 21 18.15 2.03 5.37
C TYR A 21 16.99 2.22 4.40
N THR A 22 16.87 3.46 3.93
CA THR A 22 16.08 3.79 2.76
C THR A 22 17.03 4.42 1.74
N LYS A 23 16.70 4.25 0.47
CA LYS A 23 17.54 4.78 -0.59
C LYS A 23 16.63 5.22 -1.73
N THR A 24 16.63 6.51 -2.03
CA THR A 24 15.85 7.11 -3.10
C THR A 24 16.81 7.54 -4.19
N TRP A 25 16.61 7.01 -5.40
CA TRP A 25 17.63 7.16 -6.43
C TRP A 25 17.00 6.96 -7.81
N CYS A 26 17.76 7.34 -8.83
CA CYS A 26 17.33 7.22 -10.21
C CYS A 26 17.87 5.91 -10.78
N ASP A 27 16.97 4.97 -11.10
CA ASP A 27 17.39 3.80 -11.86
C ASP A 27 17.07 4.05 -13.34
N ALA A 28 17.04 2.97 -14.14
CA ALA A 28 16.92 3.10 -15.59
C ALA A 28 15.62 3.78 -16.02
N PHE A 29 14.61 3.80 -15.15
CA PHE A 29 13.28 4.27 -15.51
C PHE A 29 12.97 5.64 -14.96
N CYS A 30 13.99 6.38 -14.49
CA CYS A 30 13.74 7.64 -13.78
C CYS A 30 12.98 8.62 -14.65
N SER A 31 13.30 8.66 -15.95
CA SER A 31 12.63 9.60 -16.85
C SER A 31 11.16 9.26 -17.06
N ILE A 32 10.76 8.02 -16.79
CA ILE A 32 9.38 7.59 -16.95
C ILE A 32 8.66 7.52 -15.61
N ARG A 33 9.33 6.98 -14.59
CA ARG A 33 8.69 6.67 -13.32
C ARG A 33 9.09 7.58 -12.18
N GLY A 34 10.16 8.36 -12.33
CA GLY A 34 10.71 9.08 -11.21
C GLY A 34 11.65 8.17 -10.41
N LYS A 35 12.11 8.69 -9.28
CA LYS A 35 13.10 7.98 -8.49
C LYS A 35 12.51 6.73 -7.84
N ARG A 36 13.31 5.66 -7.83
CA ARG A 36 13.01 4.47 -7.07
C ARG A 36 13.24 4.73 -5.58
N VAL A 37 12.45 4.08 -4.73
CA VAL A 37 12.58 4.19 -3.27
C VAL A 37 12.71 2.77 -2.72
N ASP A 38 13.94 2.40 -2.34
CA ASP A 38 14.20 1.06 -1.80
C ASP A 38 14.33 1.11 -0.29
N LEU A 39 13.81 0.08 0.37
CA LEU A 39 14.03 -0.14 1.80
C LEU A 39 14.82 -1.43 1.96
N GLY A 40 15.88 -1.40 2.77
CA GLY A 40 16.69 -2.58 2.93
C GLY A 40 17.44 -2.59 4.24
N CYS A 41 18.29 -3.60 4.40
CA CYS A 41 19.24 -3.66 5.49
C CYS A 41 20.61 -4.07 4.94
N ALA A 42 21.66 -3.57 5.58
CA ALA A 42 23.02 -3.84 5.13
C ALA A 42 23.96 -3.72 6.32
N ALA A 43 25.19 -4.24 6.12
CA ALA A 43 26.21 -4.13 7.16
C ALA A 43 26.73 -2.70 7.28
N THR A 44 26.78 -1.96 6.17
CA THR A 44 27.16 -0.56 6.19
C THR A 44 26.06 0.28 5.56
N CYS A 45 26.10 1.58 5.85
CA CYS A 45 25.15 2.55 5.32
C CYS A 45 25.49 2.89 3.86
N PRO A 46 24.51 3.00 2.97
CA PRO A 46 24.81 3.46 1.61
C PRO A 46 25.19 4.95 1.60
N THR A 47 25.72 5.39 0.46
CA THR A 47 26.41 6.67 0.36
C THR A 47 25.48 7.80 -0.11
N VAL A 48 25.62 8.96 0.51
CA VAL A 48 24.84 10.15 0.15
C VAL A 48 25.51 10.87 -1.00
N LYS A 49 24.76 11.11 -2.09
CA LYS A 49 25.27 11.77 -3.28
C LYS A 49 24.28 12.82 -3.78
N THR A 50 24.72 13.60 -4.77
CA THR A 50 23.90 14.65 -5.36
C THR A 50 22.53 14.14 -5.81
N GLY A 51 22.46 12.90 -6.30
CA GLY A 51 21.19 12.32 -6.71
C GLY A 51 20.59 11.26 -5.83
N VAL A 52 21.16 10.99 -4.67
CA VAL A 52 20.73 9.87 -3.83
C VAL A 52 20.41 10.40 -2.43
N ASP A 53 19.17 10.25 -1.99
CA ASP A 53 18.76 10.59 -0.62
C ASP A 53 18.70 9.31 0.20
N ILE A 54 19.35 9.32 1.37
CA ILE A 54 19.53 8.10 2.13
C ILE A 54 19.25 8.35 3.61
N GLN A 55 18.51 7.42 4.22
CA GLN A 55 18.34 7.33 5.66
C GLN A 55 18.94 6.02 6.14
N CYS A 56 19.60 6.06 7.30
CA CYS A 56 20.15 4.87 7.94
C CYS A 56 19.91 4.99 9.43
N CYS A 57 19.49 3.89 10.04
CA CYS A 57 19.19 3.89 11.47
C CYS A 57 19.41 2.48 12.01
N SER A 58 19.49 2.37 13.33
CA SER A 58 19.94 1.13 13.95
C SER A 58 18.95 0.59 14.98
N THR A 59 17.67 0.92 14.85
CA THR A 59 16.67 0.35 15.74
C THR A 59 15.61 -0.38 14.91
N ASP A 60 14.87 -1.27 15.57
CA ASP A 60 13.92 -2.11 14.84
C ASP A 60 12.93 -1.29 14.04
N ASN A 61 12.72 -1.67 12.77
CA ASN A 61 11.68 -1.11 11.93
C ASN A 61 11.82 0.40 11.76
N CYS A 62 13.04 0.89 11.72
CA CYS A 62 13.22 2.34 11.69
C CYS A 62 13.26 2.91 10.29
N ASN A 63 13.04 2.09 9.26
CA ASN A 63 13.15 2.54 7.88
C ASN A 63 11.85 2.34 7.10
N PRO A 64 10.72 2.91 7.56
CA PRO A 64 9.52 2.88 6.70
C PRO A 64 9.74 3.78 5.50
N PHE A 65 8.79 3.83 4.57
CA PHE A 65 8.96 4.70 3.41
C PHE A 65 9.17 6.14 3.88
N PRO A 66 10.13 6.86 3.30
CA PRO A 66 10.34 8.26 3.69
C PRO A 66 9.14 9.14 3.36
N THR A 67 8.96 10.19 4.15
CA THR A 67 7.98 11.22 3.84
C THR A 67 8.62 12.57 4.11
N ARG A 68 8.06 13.60 3.49
CA ARG A 68 8.40 14.98 3.82
C ARG A 68 7.50 15.40 4.98
N LYS A 69 8.09 15.51 6.18
CA LYS A 69 7.34 15.83 7.40
C LYS A 69 7.09 17.31 7.59
N ARG A 70 6.82 18.03 6.50
CA ARG A 70 6.57 19.46 6.57
C ARG A 70 5.87 19.87 5.29
N PRO A 71 5.17 21.02 5.28
CA PRO A 71 4.55 21.56 4.07
C PRO A 71 5.51 21.59 2.86
N ILE B 1 -3.33 -28.09 -20.68
CA ILE B 1 -2.65 -26.85 -21.07
C ILE B 1 -1.82 -26.33 -19.90
N ARG B 2 -0.66 -25.76 -20.21
CA ARG B 2 0.22 -25.19 -19.18
C ARG B 2 0.06 -23.69 -19.14
N CYS B 3 -0.23 -23.15 -17.95
CA CYS B 3 -0.42 -21.73 -17.75
C CYS B 3 0.42 -21.25 -16.59
N PHE B 4 0.79 -19.98 -16.62
CA PHE B 4 1.38 -19.38 -15.44
C PHE B 4 0.28 -18.99 -14.46
N ILE B 5 0.55 -19.20 -13.18
CA ILE B 5 -0.39 -18.96 -12.09
C ILE B 5 0.39 -18.13 -11.09
N THR B 6 -0.01 -16.87 -10.90
CA THR B 6 0.74 -16.03 -9.97
C THR B 6 0.45 -16.46 -8.53
N PRO B 7 1.43 -16.34 -7.62
CA PRO B 7 2.76 -15.78 -7.91
C PRO B 7 3.82 -16.81 -8.31
N ASP B 8 3.40 -18.03 -8.66
CA ASP B 8 4.35 -19.08 -9.02
C ASP B 8 5.27 -18.62 -10.16
N ILE B 9 4.67 -18.25 -11.29
CA ILE B 9 5.37 -17.68 -12.47
C ILE B 9 6.77 -18.26 -12.71
N SER B 11 4.80 -22.40 -13.43
CA SER B 11 3.97 -22.85 -14.55
C SER B 11 3.20 -24.10 -14.13
N LYS B 12 1.89 -24.15 -14.38
CA LYS B 12 1.07 -25.23 -13.87
C LYS B 12 0.31 -25.92 -14.99
N ASP B 13 0.00 -27.20 -14.75
CA ASP B 13 -0.78 -28.00 -15.69
C ASP B 13 -2.26 -27.87 -15.35
N CYS B 14 -3.04 -27.29 -16.27
CA CYS B 14 -4.47 -27.16 -16.09
C CYS B 14 -5.22 -28.10 -17.04
N PRO B 15 -6.44 -28.53 -16.66
CA PRO B 15 -7.16 -29.51 -17.47
C PRO B 15 -7.39 -29.04 -18.90
N ASN B 16 -7.40 -30.01 -19.82
CA ASN B 16 -7.65 -29.71 -21.22
C ASN B 16 -9.03 -29.09 -21.35
N GLY B 17 -9.11 -28.03 -22.16
CA GLY B 17 -10.30 -27.20 -22.23
C GLY B 17 -10.21 -25.91 -21.46
N HIS B 18 -9.36 -25.83 -20.44
CA HIS B 18 -9.14 -24.57 -19.77
C HIS B 18 -8.40 -23.60 -20.69
N VAL B 19 -8.45 -22.32 -20.34
CA VAL B 19 -7.66 -21.31 -20.99
C VAL B 19 -6.75 -20.68 -19.95
N CYS B 20 -5.59 -20.19 -20.39
CA CYS B 20 -4.76 -19.31 -19.57
C CYS B 20 -5.28 -17.88 -19.67
N TYR B 21 -4.99 -17.07 -18.65
CA TYR B 21 -5.39 -15.68 -18.73
C TYR B 21 -4.36 -14.78 -18.07
N THR B 22 -4.37 -13.52 -18.51
CA THR B 22 -3.61 -12.42 -17.95
C THR B 22 -4.60 -11.30 -17.66
N LYS B 23 -4.83 -11.02 -16.37
CA LYS B 23 -5.60 -9.85 -15.95
C LYS B 23 -4.62 -8.74 -15.56
N THR B 24 -4.81 -7.55 -16.12
CA THR B 24 -4.09 -6.38 -15.64
C THR B 24 -5.05 -5.22 -15.46
N TRP B 25 -4.74 -4.35 -14.50
CA TRP B 25 -5.61 -3.23 -14.15
C TRP B 25 -4.83 -2.32 -13.21
N CYS B 26 -5.26 -1.07 -13.14
CA CYS B 26 -4.69 -0.13 -12.18
C CYS B 26 -5.43 -0.21 -10.85
N ASP B 27 -4.67 -0.24 -9.74
CA ASP B 27 -5.20 0.23 -8.47
C ASP B 27 -4.57 1.59 -8.16
N ALA B 28 -4.74 2.08 -6.94
CA ALA B 28 -4.26 3.42 -6.64
C ALA B 28 -2.75 3.52 -6.62
N PHE B 29 -2.03 2.40 -6.61
CA PHE B 29 -0.58 2.40 -6.69
C PHE B 29 -0.05 2.35 -8.13
N CYS B 30 -0.91 2.57 -9.13
CA CYS B 30 -0.53 2.28 -10.52
C CYS B 30 0.71 3.05 -10.95
N SER B 31 0.85 4.31 -10.51
CA SER B 31 2.03 5.08 -10.86
C SER B 31 3.23 4.77 -9.98
N ILE B 32 3.03 4.00 -8.91
CA ILE B 32 4.07 3.73 -7.93
C ILE B 32 4.68 2.35 -8.12
N ARG B 33 3.83 1.37 -8.46
CA ARG B 33 4.24 -0.01 -8.64
CA ARG B 33 4.24 -0.01 -8.64
C ARG B 33 3.85 -0.59 -10.00
N GLY B 34 3.22 0.20 -10.86
CA GLY B 34 2.70 -0.33 -12.10
C GLY B 34 1.34 -0.99 -11.89
N LYS B 35 0.83 -1.57 -12.96
CA LYS B 35 -0.48 -2.20 -12.88
C LYS B 35 -0.44 -3.48 -12.05
N ARG B 36 -1.59 -3.79 -11.45
CA ARG B 36 -1.79 -5.11 -10.88
CA ARG B 36 -1.78 -5.11 -10.88
C ARG B 36 -1.79 -6.16 -11.99
N VAL B 37 -1.27 -7.35 -11.67
CA VAL B 37 -1.16 -8.43 -12.64
C VAL B 37 -1.60 -9.71 -11.99
N ASP B 38 -2.50 -10.43 -12.66
CA ASP B 38 -3.00 -11.71 -12.17
C ASP B 38 -2.96 -12.69 -13.32
N LEU B 39 -2.18 -13.76 -13.18
CA LEU B 39 -2.09 -14.82 -14.17
C LEU B 39 -2.75 -16.07 -13.61
N GLY B 40 -3.54 -16.74 -14.43
CA GLY B 40 -4.15 -17.98 -13.97
C GLY B 40 -4.68 -18.80 -15.12
N CYS B 41 -5.52 -19.77 -14.77
CA CYS B 41 -6.21 -20.58 -15.75
C CYS B 41 -7.63 -20.82 -15.27
N ALA B 42 -8.55 -20.98 -16.21
CA ALA B 42 -9.94 -21.23 -15.88
C ALA B 42 -10.59 -22.02 -17.00
N ALA B 43 -11.69 -22.70 -16.67
CA ALA B 43 -12.37 -23.51 -17.67
C ALA B 43 -12.93 -22.66 -18.81
N THR B 44 -13.21 -21.39 -18.54
CA THR B 44 -13.66 -20.43 -19.53
C THR B 44 -13.03 -19.09 -19.21
N CYS B 45 -12.91 -18.23 -20.21
CA CYS B 45 -12.28 -16.94 -20.01
C CYS B 45 -13.06 -16.16 -18.96
N PRO B 46 -12.41 -15.71 -17.88
CA PRO B 46 -13.16 -15.05 -16.81
C PRO B 46 -13.76 -13.73 -17.24
N THR B 47 -14.87 -13.39 -16.61
CA THR B 47 -15.51 -12.10 -16.83
C THR B 47 -14.96 -11.09 -15.85
N VAL B 48 -14.65 -9.89 -16.34
CA VAL B 48 -14.27 -8.79 -15.47
C VAL B 48 -14.99 -7.53 -15.88
N LYS B 49 -14.51 -6.42 -15.35
CA LYS B 49 -15.24 -5.18 -15.23
C LYS B 49 -14.49 -4.05 -15.95
N THR B 50 -15.10 -2.88 -15.89
CA THR B 50 -14.46 -1.67 -16.40
C THR B 50 -13.07 -1.49 -15.78
N GLY B 51 -12.10 -1.16 -16.62
CA GLY B 51 -10.74 -0.92 -16.17
C GLY B 51 -9.84 -2.13 -16.15
N VAL B 52 -10.40 -3.34 -16.26
CA VAL B 52 -9.63 -4.57 -16.21
C VAL B 52 -9.48 -5.09 -17.63
N ASP B 53 -8.24 -5.39 -18.01
CA ASP B 53 -7.95 -6.03 -19.28
C ASP B 53 -7.68 -7.50 -19.01
N ILE B 54 -8.38 -8.39 -19.71
CA ILE B 54 -8.06 -9.82 -19.66
C ILE B 54 -7.75 -10.29 -21.05
N GLN B 55 -6.66 -11.02 -21.20
CA GLN B 55 -6.33 -11.72 -22.43
C GLN B 55 -6.38 -13.21 -22.15
N CYS B 56 -7.22 -13.93 -22.87
CA CYS B 56 -7.30 -15.38 -22.70
C CYS B 56 -6.67 -16.06 -23.90
N CYS B 57 -5.93 -17.14 -23.65
CA CYS B 57 -5.26 -17.82 -24.74
C CYS B 57 -5.27 -19.33 -24.46
N SER B 58 -5.05 -20.13 -25.51
CA SER B 58 -5.32 -21.55 -25.45
C SER B 58 -4.09 -22.42 -25.73
N THR B 59 -2.88 -21.87 -25.64
CA THR B 59 -1.68 -22.65 -25.90
C THR B 59 -0.78 -22.62 -24.67
N ASP B 60 0.08 -23.62 -24.54
CA ASP B 60 0.92 -23.75 -23.35
C ASP B 60 1.76 -22.50 -23.13
N ASN B 61 1.81 -22.04 -21.88
CA ASN B 61 2.66 -20.91 -21.47
C ASN B 61 2.31 -19.62 -22.22
N CYS B 62 1.05 -19.46 -22.60
CA CYS B 62 0.71 -18.29 -23.40
C CYS B 62 0.43 -17.05 -22.56
N ASN B 63 0.49 -17.13 -21.23
CA ASN B 63 0.22 -15.96 -20.38
C ASN B 63 1.43 -15.65 -19.50
N PRO B 64 2.60 -15.37 -20.09
CA PRO B 64 3.76 -15.06 -19.27
C PRO B 64 3.61 -13.68 -18.64
N PHE B 65 4.46 -13.42 -17.66
CA PHE B 65 4.46 -12.12 -17.02
C PHE B 65 4.86 -11.05 -18.04
N PRO B 66 4.05 -10.01 -18.24
CA PRO B 66 4.24 -8.99 -19.30
C PRO B 66 5.46 -8.10 -19.09
N TYR C 1 2.40 -6.91 -8.97
CA TYR C 1 2.49 -5.63 -9.68
C TYR C 1 3.48 -5.77 -10.83
N MET C 2 3.31 -4.90 -11.83
CA MET C 2 4.18 -4.96 -13.00
CA MET C 2 4.17 -4.94 -13.01
C MET C 2 5.62 -4.65 -12.65
N TRP C 3 5.85 -3.65 -11.79
CA TRP C 3 7.21 -3.24 -11.47
C TRP C 3 7.72 -4.00 -10.26
N ASP C 4 9.04 -4.18 -10.19
CA ASP C 4 9.67 -4.88 -9.08
C ASP C 4 10.14 -3.93 -7.98
N GLY C 5 9.62 -2.71 -7.97
CA GLY C 5 10.06 -1.70 -7.01
C GLY C 5 9.00 -0.64 -6.87
N TRP C 6 9.25 0.26 -5.93
CA TRP C 6 8.36 1.35 -5.59
C TRP C 6 8.99 2.65 -6.08
N TYR C 7 8.19 3.46 -6.76
CA TYR C 7 8.68 4.69 -7.37
C TYR C 7 7.88 5.88 -6.87
N MET C 8 8.57 7.00 -6.66
CA MET C 8 7.96 8.24 -6.19
C MET C 8 7.70 9.21 -7.35
N ILE D 1 -18.51 6.87 -13.98
CA ILE D 1 -17.05 6.89 -14.07
C ILE D 1 -16.49 6.18 -12.84
N ARG D 2 -15.39 5.45 -13.02
CA ARG D 2 -14.71 4.82 -11.91
C ARG D 2 -13.58 5.71 -11.43
N CYS D 3 -13.48 5.90 -10.12
CA CYS D 3 -12.45 6.73 -9.54
C CYS D 3 -11.90 6.06 -8.28
N PHE D 4 -10.64 6.34 -7.98
CA PHE D 4 -10.10 5.94 -6.68
C PHE D 4 -10.58 6.94 -5.63
N ILE D 5 -10.87 6.43 -4.45
CA ILE D 5 -11.44 7.24 -3.37
C ILE D 5 -10.73 6.78 -2.10
N THR D 6 -9.84 7.63 -1.57
CA THR D 6 -9.18 7.30 -0.32
C THR D 6 -10.20 7.24 0.82
N PRO D 7 -9.93 6.46 1.87
CA PRO D 7 -8.69 5.74 2.19
C PRO D 7 -8.44 4.40 1.46
N ASP D 8 -9.40 3.88 0.71
CA ASP D 8 -9.19 2.62 0.00
C ASP D 8 -8.36 2.83 -1.27
N ILE D 9 -7.81 1.74 -1.80
CA ILE D 9 -6.99 1.81 -3.01
C ILE D 9 -7.66 1.15 -4.21
N THR D 10 -8.92 0.73 -4.08
CA THR D 10 -9.61 0.07 -5.17
C THR D 10 -10.60 1.02 -5.85
N SER D 11 -10.89 0.74 -7.11
CA SER D 11 -11.76 1.61 -7.91
C SER D 11 -13.19 1.61 -7.37
N LYS D 12 -13.81 2.79 -7.36
CA LYS D 12 -15.19 2.96 -6.94
C LYS D 12 -16.01 3.60 -8.06
N ASP D 13 -17.32 3.44 -7.98
CA ASP D 13 -18.23 3.91 -9.01
C ASP D 13 -18.82 5.26 -8.63
N CYS D 14 -18.70 6.25 -9.52
CA CYS D 14 -19.23 7.59 -9.30
C CYS D 14 -20.23 7.94 -10.38
N PRO D 15 -21.17 8.86 -10.10
CA PRO D 15 -22.23 9.15 -11.08
C PRO D 15 -21.67 9.71 -12.37
N ASN D 16 -22.39 9.43 -13.46
CA ASN D 16 -21.99 9.91 -14.77
C ASN D 16 -21.91 11.43 -14.78
N GLY D 17 -20.80 11.97 -15.28
CA GLY D 17 -20.55 13.39 -15.29
C GLY D 17 -19.55 13.86 -14.24
N HIS D 18 -19.26 13.04 -13.24
CA HIS D 18 -18.24 13.43 -12.27
C HIS D 18 -16.85 13.34 -12.87
N VAL D 19 -15.90 13.98 -12.21
CA VAL D 19 -14.47 13.90 -12.57
C VAL D 19 -13.74 13.21 -11.43
N CYS D 20 -12.74 12.41 -11.77
CA CYS D 20 -11.82 11.91 -10.75
C CYS D 20 -10.78 12.97 -10.44
N TYR D 21 -10.31 13.00 -9.19
CA TYR D 21 -9.32 14.00 -8.85
C TYR D 21 -8.33 13.47 -7.82
N THR D 22 -7.17 14.11 -7.78
CA THR D 22 -6.24 14.02 -6.66
C THR D 22 -6.07 15.41 -6.09
N LYS D 23 -5.79 15.49 -4.79
CA LYS D 23 -5.62 16.77 -4.13
C LYS D 23 -4.57 16.61 -3.04
N THR D 24 -3.47 17.34 -3.18
CA THR D 24 -2.37 17.33 -2.21
C THR D 24 -2.37 18.68 -1.52
N TRP D 25 -2.48 18.67 -0.19
CA TRP D 25 -2.74 19.90 0.54
C TRP D 25 -2.31 19.73 1.99
N CYS D 26 -2.24 20.86 2.69
CA CYS D 26 -1.87 20.89 4.10
C CYS D 26 -3.13 20.88 4.95
N ASP D 27 -3.35 19.80 5.70
CA ASP D 27 -4.41 19.80 6.70
C ASP D 27 -3.80 20.15 8.06
N ALA D 28 -4.51 19.84 9.14
CA ALA D 28 -4.10 20.27 10.48
C ALA D 28 -2.75 19.69 10.90
N PHE D 29 -2.33 18.59 10.28
CA PHE D 29 -1.14 17.88 10.71
C PHE D 29 0.06 18.11 9.80
N CYS D 30 0.01 19.12 8.93
CA CYS D 30 1.04 19.31 7.92
C CYS D 30 2.42 19.47 8.55
N SER D 31 2.50 20.17 9.68
CA SER D 31 3.79 20.38 10.33
C SER D 31 4.39 19.10 10.87
N ILE D 32 3.57 18.08 11.12
CA ILE D 32 4.05 16.80 11.64
C ILE D 32 4.13 15.74 10.54
N ARG D 33 3.12 15.68 9.67
CA ARG D 33 2.99 14.58 8.72
C ARG D 33 3.29 14.97 7.28
N GLY D 34 3.35 16.26 6.96
CA GLY D 34 3.40 16.70 5.58
C GLY D 34 2.02 16.79 4.96
N LYS D 35 1.99 17.05 3.65
CA LYS D 35 0.73 17.27 2.97
C LYS D 35 -0.10 15.98 2.90
N ARG D 36 -1.41 16.13 3.08
CA ARG D 36 -2.35 15.06 2.83
C ARG D 36 -2.55 14.87 1.32
N VAL D 37 -2.78 13.62 0.91
CA VAL D 37 -3.01 13.30 -0.50
C VAL D 37 -4.33 12.55 -0.58
N ASP D 38 -5.37 13.22 -1.04
CA ASP D 38 -6.70 12.62 -1.18
C ASP D 38 -7.00 12.27 -2.62
N LEU D 39 -7.65 11.13 -2.82
CA LEU D 39 -8.22 10.74 -4.10
C LEU D 39 -9.73 10.72 -3.96
N GLY D 40 -10.42 11.35 -4.91
CA GLY D 40 -11.86 11.38 -4.81
C GLY D 40 -12.52 11.59 -6.16
N CYS D 41 -13.84 11.75 -6.12
CA CYS D 41 -14.60 12.16 -7.29
C CYS D 41 -15.60 13.23 -6.89
N ALA D 42 -15.90 14.13 -7.81
CA ALA D 42 -16.80 15.24 -7.57
C ALA D 42 -17.42 15.66 -8.89
N ALA D 43 -18.50 16.45 -8.79
CA ALA D 43 -19.16 16.96 -10.00
C ALA D 43 -18.32 18.01 -10.70
N THR D 44 -17.56 18.81 -9.94
CA THR D 44 -16.64 19.78 -10.51
C THR D 44 -15.23 19.53 -9.98
N CYS D 45 -14.25 20.09 -10.69
CA CYS D 45 -12.85 19.97 -10.33
C CYS D 45 -12.52 20.93 -9.18
N PRO D 46 -11.75 20.49 -8.18
CA PRO D 46 -11.32 21.41 -7.12
C PRO D 46 -10.29 22.41 -7.63
N THR D 47 -10.05 23.44 -6.81
CA THR D 47 -9.34 24.63 -7.23
C THR D 47 -7.84 24.55 -6.95
N VAL D 48 -7.04 25.02 -7.92
CA VAL D 48 -5.59 25.05 -7.80
C VAL D 48 -5.18 26.33 -7.06
N LYS D 49 -4.37 26.17 -6.01
CA LYS D 49 -3.91 27.29 -5.20
C LYS D 49 -2.42 27.14 -4.90
N THR D 50 -1.85 28.20 -4.32
CA THR D 50 -0.43 28.23 -3.97
C THR D 50 0.00 26.99 -3.16
N GLY D 51 -0.87 26.50 -2.28
CA GLY D 51 -0.55 25.33 -1.49
C GLY D 51 -1.26 24.04 -1.85
N VAL D 52 -2.00 23.99 -2.95
CA VAL D 52 -2.82 22.83 -3.29
C VAL D 52 -2.46 22.39 -4.71
N ASP D 53 -1.96 21.15 -4.83
CA ASP D 53 -1.68 20.56 -6.14
C ASP D 53 -2.85 19.65 -6.50
N ILE D 54 -3.36 19.79 -7.73
CA ILE D 54 -4.60 19.14 -8.10
C ILE D 54 -4.48 18.52 -9.48
N GLN D 55 -4.95 17.27 -9.60
CA GLN D 55 -5.17 16.61 -10.87
C GLN D 55 -6.66 16.32 -11.02
N CYS D 56 -7.18 16.48 -12.24
CA CYS D 56 -8.56 16.16 -12.56
C CYS D 56 -8.58 15.54 -13.94
N CYS D 57 -9.38 14.48 -14.07
CA CYS D 57 -9.46 13.76 -15.34
C CYS D 57 -10.82 13.07 -15.39
N SER D 58 -11.21 12.68 -16.61
CA SER D 58 -12.59 12.24 -16.85
C SER D 58 -12.66 10.86 -17.48
N THR D 59 -11.67 10.01 -17.23
CA THR D 59 -11.73 8.63 -17.68
C THR D 59 -11.58 7.70 -16.48
N ASP D 60 -11.99 6.45 -16.67
CA ASP D 60 -12.04 5.50 -15.56
C ASP D 60 -10.67 5.35 -14.88
N ASN D 61 -10.65 5.42 -13.55
CA ASN D 61 -9.46 5.12 -12.76
C ASN D 61 -8.29 6.01 -13.13
N CYS D 62 -8.55 7.25 -13.48
CA CYS D 62 -7.48 8.09 -13.98
C CYS D 62 -6.79 8.87 -12.87
N ASN D 63 -7.14 8.64 -11.60
CA ASN D 63 -6.57 9.39 -10.48
C ASN D 63 -5.88 8.49 -9.46
N PRO D 64 -4.88 7.70 -9.88
CA PRO D 64 -4.09 6.98 -8.86
C PRO D 64 -3.26 7.96 -8.07
N PHE D 65 -2.54 7.51 -7.04
CA PHE D 65 -1.72 8.44 -6.27
C PHE D 65 -0.74 9.15 -7.20
N PRO D 66 -0.57 10.46 -7.07
CA PRO D 66 0.38 11.18 -7.93
C PRO D 66 1.81 10.76 -7.66
N THR D 67 2.62 10.86 -8.71
CA THR D 67 4.07 10.69 -8.60
C THR D 67 4.74 11.78 -9.43
N ARG D 68 6.00 12.05 -9.10
CA ARG D 68 6.85 12.89 -9.93
C ARG D 68 7.48 11.98 -10.98
N LYS D 69 7.04 12.12 -12.23
CA LYS D 69 7.50 11.26 -13.32
C LYS D 69 8.83 11.73 -13.92
N ARG D 70 9.73 12.22 -13.09
CA ARG D 70 11.03 12.70 -13.54
C ARG D 70 11.96 12.78 -12.33
N PRO D 71 13.29 12.75 -12.54
CA PRO D 71 14.25 12.92 -11.46
C PRO D 71 13.98 14.12 -10.54
N ILE E 1 -17.36 -9.64 28.86
CA ILE E 1 -16.67 -8.37 28.71
C ILE E 1 -16.93 -7.81 27.31
N ARG E 2 -17.05 -6.49 27.22
CA ARG E 2 -17.26 -5.81 25.94
C ARG E 2 -15.94 -5.25 25.43
N CYS E 3 -15.57 -5.61 24.20
CA CYS E 3 -14.35 -5.13 23.58
C CYS E 3 -14.65 -4.57 22.20
N PHE E 4 -13.81 -3.64 21.76
CA PHE E 4 -13.85 -3.22 20.37
C PHE E 4 -13.10 -4.25 19.54
N ILE E 5 -13.64 -4.54 18.36
CA ILE E 5 -13.10 -5.54 17.45
C ILE E 5 -13.01 -4.85 16.10
N THR E 6 -11.80 -4.60 15.62
CA THR E 6 -11.68 -3.92 14.34
C THR E 6 -12.04 -4.90 13.22
N PRO E 7 -12.69 -4.40 12.14
CA PRO E 7 -13.04 -3.00 11.92
C PRO E 7 -14.44 -2.57 12.40
N ASP E 8 -15.08 -3.37 13.25
CA ASP E 8 -16.42 -3.02 13.74
C ASP E 8 -16.41 -1.65 14.40
N ILE E 9 -15.59 -1.48 15.44
CA ILE E 9 -15.34 -0.21 16.14
C ILE E 9 -16.58 0.69 16.23
N SER E 11 -18.40 -2.55 18.83
CA SER E 11 -18.18 -3.10 20.17
C SER E 11 -18.87 -4.45 20.31
N LYS E 12 -18.15 -5.47 20.79
CA LYS E 12 -18.69 -6.82 20.84
C LYS E 12 -18.61 -7.42 22.23
N ASP E 13 -19.52 -8.36 22.49
CA ASP E 13 -19.56 -9.07 23.76
C ASP E 13 -18.70 -10.33 23.66
N CYS E 14 -17.64 -10.40 24.46
CA CYS E 14 -16.76 -11.56 24.50
C CYS E 14 -16.95 -12.33 25.81
N PRO E 15 -16.71 -13.64 25.81
CA PRO E 15 -16.95 -14.45 27.01
C PRO E 15 -16.20 -13.93 28.23
N ASN E 16 -16.83 -14.12 29.39
CA ASN E 16 -16.20 -13.72 30.65
C ASN E 16 -14.90 -14.49 30.85
N GLY E 17 -13.86 -13.78 31.26
CA GLY E 17 -12.52 -14.32 31.31
C GLY E 17 -11.63 -13.88 30.16
N HIS E 18 -12.22 -13.52 29.03
CA HIS E 18 -11.45 -12.92 27.96
C HIS E 18 -10.91 -11.56 28.37
N VAL E 19 -9.92 -11.08 27.62
CA VAL E 19 -9.41 -9.73 27.75
C VAL E 19 -9.58 -9.02 26.41
N CYS E 20 -9.74 -7.70 26.46
CA CYS E 20 -9.62 -6.88 25.27
C CYS E 20 -8.15 -6.58 25.02
N TYR E 21 -7.82 -6.27 23.76
CA TYR E 21 -6.45 -5.90 23.48
C TYR E 21 -6.41 -4.84 22.40
N THR E 22 -5.29 -4.10 22.39
CA THR E 22 -4.92 -3.11 21.39
C THR E 22 -3.52 -3.49 20.92
N LYS E 23 -3.39 -3.95 19.68
CA LYS E 23 -2.09 -4.15 19.03
C LYS E 23 -1.80 -2.97 18.13
N THR E 24 -0.61 -2.36 18.29
CA THR E 24 -0.16 -1.35 17.34
C THR E 24 1.29 -1.62 16.94
N TRP E 25 1.63 -1.26 15.71
CA TRP E 25 2.97 -1.53 15.20
C TRP E 25 3.12 -0.79 13.88
N CYS E 26 4.38 -0.56 13.49
CA CYS E 26 4.65 0.05 12.19
C CYS E 26 4.76 -1.03 11.10
N ASP E 27 4.11 -0.78 9.95
CA ASP E 27 4.54 -1.41 8.71
C ASP E 27 5.26 -0.34 7.88
N ALA E 28 5.53 -0.65 6.62
CA ALA E 28 6.33 0.29 5.84
C ALA E 28 5.58 1.58 5.51
N PHE E 29 4.26 1.62 5.73
CA PHE E 29 3.47 2.82 5.55
C PHE E 29 3.38 3.69 6.81
N CYS E 30 4.21 3.43 7.83
CA CYS E 30 4.01 4.05 9.14
C CYS E 30 4.03 5.58 9.06
N SER E 31 4.90 6.15 8.22
CA SER E 31 4.94 7.60 8.09
C SER E 31 3.86 8.14 7.16
N ILE E 32 3.18 7.26 6.44
CA ILE E 32 2.21 7.66 5.43
C ILE E 32 0.78 7.55 5.97
N ARG E 33 0.52 6.49 6.74
CA ARG E 33 -0.80 6.18 7.29
CA ARG E 33 -0.82 6.28 7.29
C ARG E 33 -0.80 6.07 8.80
N GLY E 34 0.35 6.21 9.45
CA GLY E 34 0.43 5.95 10.87
C GLY E 34 0.59 4.47 11.15
N LYS E 35 0.59 4.12 12.43
CA LYS E 35 0.79 2.72 12.81
C LYS E 35 -0.42 1.87 12.42
N ARG E 36 -0.15 0.59 12.17
CA ARG E 36 -1.21 -0.40 12.09
CA ARG E 36 -1.22 -0.38 12.09
C ARG E 36 -1.90 -0.53 13.44
N VAL E 37 -3.21 -0.79 13.42
CA VAL E 37 -3.99 -0.91 14.64
C VAL E 37 -4.92 -2.11 14.53
N ASP E 38 -4.91 -2.97 15.53
CA ASP E 38 -5.76 -4.15 15.59
C ASP E 38 -6.37 -4.21 16.98
N LEU E 39 -7.70 -4.15 17.06
CA LEU E 39 -8.42 -4.27 18.31
C LEU E 39 -9.17 -5.60 18.33
N GLY E 40 -9.11 -6.30 19.45
CA GLY E 40 -9.87 -7.53 19.53
C GLY E 40 -10.03 -8.00 20.95
N CYS E 41 -10.43 -9.27 21.09
CA CYS E 41 -10.51 -9.91 22.40
C CYS E 41 -10.04 -11.35 22.26
N ALA E 42 -9.49 -11.89 23.35
CA ALA E 42 -9.02 -13.27 23.36
C ALA E 42 -9.07 -13.79 24.79
N ALA E 43 -9.10 -15.12 24.93
CA ALA E 43 -9.20 -15.72 26.25
C ALA E 43 -7.97 -15.40 27.10
N THR E 44 -6.85 -15.10 26.47
CA THR E 44 -5.63 -14.70 27.15
C THR E 44 -4.95 -13.64 26.31
N CYS E 45 -4.14 -12.82 26.96
CA CYS E 45 -3.47 -11.73 26.26
C CYS E 45 -2.58 -12.32 25.16
N PRO E 46 -2.75 -11.93 23.90
CA PRO E 46 -1.99 -12.57 22.83
C PRO E 46 -0.50 -12.27 22.94
N THR E 47 0.29 -13.21 22.44
CA THR E 47 1.73 -13.04 22.36
C THR E 47 2.10 -12.38 21.04
N VAL E 48 3.00 -11.41 21.11
CA VAL E 48 3.53 -10.81 19.89
C VAL E 48 5.04 -10.67 19.96
N LYS E 49 5.57 -9.91 19.02
CA LYS E 49 6.97 -9.93 18.64
C LYS E 49 7.57 -8.54 18.77
N THR E 50 8.85 -8.47 18.45
CA THR E 50 9.56 -7.21 18.37
C THR E 50 8.81 -6.22 17.48
N GLY E 51 8.71 -4.98 17.95
CA GLY E 51 8.07 -3.92 17.21
C GLY E 51 6.59 -3.77 17.46
N VAL E 52 5.96 -4.77 18.09
CA VAL E 52 4.52 -4.76 18.33
C VAL E 52 4.26 -4.40 19.79
N ASP E 53 3.37 -3.44 20.00
CA ASP E 53 2.90 -3.06 21.31
C ASP E 53 1.53 -3.68 21.51
N ILE E 54 1.33 -4.43 22.59
CA ILE E 54 0.00 -4.90 22.95
C ILE E 54 -0.34 -4.40 24.33
N GLN E 55 -1.54 -3.85 24.48
CA GLN E 55 -2.10 -3.52 25.78
C GLN E 55 -3.33 -4.39 25.97
N CYS E 56 -3.33 -5.21 27.02
CA CYS E 56 -4.49 -6.03 27.34
C CYS E 56 -5.15 -5.48 28.58
N CYS E 57 -6.48 -5.46 28.58
CA CYS E 57 -7.20 -4.90 29.71
C CYS E 57 -8.46 -5.73 29.93
N SER E 58 -9.03 -5.62 31.14
CA SER E 58 -10.07 -6.55 31.58
C SER E 58 -11.40 -5.86 31.90
N THR E 59 -11.63 -4.66 31.40
CA THR E 59 -12.88 -3.95 31.67
C THR E 59 -13.58 -3.60 30.36
N ASP E 60 -14.89 -3.41 30.42
CA ASP E 60 -15.69 -3.18 29.23
C ASP E 60 -15.19 -1.96 28.45
N ASN E 61 -15.06 -2.12 27.13
CA ASN E 61 -14.69 -1.03 26.23
C ASN E 61 -13.32 -0.44 26.55
N CYS E 62 -12.43 -1.24 27.11
CA CYS E 62 -11.15 -0.71 27.56
C CYS E 62 -10.11 -0.62 26.45
N ASN E 63 -10.44 -1.01 25.21
CA ASN E 63 -9.49 -0.95 24.10
C ASN E 63 -10.04 -0.09 22.97
N PRO E 64 -10.33 1.19 23.23
CA PRO E 64 -10.86 2.06 22.18
C PRO E 64 -9.79 2.39 21.15
N PHE E 65 -10.24 2.93 20.02
CA PHE E 65 -9.28 3.35 19.00
C PHE E 65 -8.42 4.48 19.55
N PRO E 66 -7.08 4.36 19.49
CA PRO E 66 -6.15 5.31 20.10
C PRO E 66 -6.14 6.68 19.44
N TYR F 1 -5.35 1.51 10.09
CA TYR F 1 -4.24 2.43 10.36
C TYR F 1 -4.68 3.53 11.30
N MET F 2 -3.70 4.14 11.97
CA MET F 2 -4.01 5.16 12.96
CA MET F 2 -3.97 5.19 12.96
C MET F 2 -4.58 6.42 12.32
N TRP F 3 -4.14 6.79 11.12
CA TRP F 3 -4.60 8.00 10.46
C TRP F 3 -5.70 7.66 9.46
N ASP F 4 -6.59 8.62 9.21
CA ASP F 4 -7.69 8.42 8.28
C ASP F 4 -7.35 8.89 6.87
N GLY F 5 -6.07 9.06 6.57
CA GLY F 5 -5.67 9.59 5.28
C GLY F 5 -4.25 9.19 4.99
N TRP F 6 -3.82 9.53 3.78
CA TRP F 6 -2.49 9.23 3.27
C TRP F 6 -1.70 10.52 3.23
N TYR F 7 -0.48 10.50 3.74
CA TYR F 7 0.35 11.70 3.82
C TYR F 7 1.67 11.46 3.09
N MET F 8 2.14 12.51 2.42
CA MET F 8 3.40 12.45 1.67
C MET F 8 4.57 13.05 2.45
#